data_4MGA
#
_entry.id   4MGA
#
_cell.length_a   54.880
_cell.length_b   81.590
_cell.length_c   58.840
_cell.angle_alpha   90.00
_cell.angle_beta   110.78
_cell.angle_gamma   90.00
#
_symmetry.space_group_name_H-M   'P 1 21 1'
#
loop_
_entity.id
_entity.type
_entity.pdbx_description
1 polymer 'Estrogen receptor'
2 polymer 'Estrogen receptor'
3 polymer 'Nuclear receptor coactivator 1'
4 non-polymer 4-(2,4,4-trimethylpentan-2-yl)phenol
5 water water
#
loop_
_entity_poly.entity_id
_entity_poly.type
_entity_poly.pdbx_seq_one_letter_code
_entity_poly.pdbx_strand_id
1 'polypeptide(L)'
;GSHMKKNSLALSLTADQMVSALLDAEPPILYSEYDPTRPFSEASMMGLLTNLADRELVHMINWAKRVPGFVDLTLHDQVH
LLE(CSO)AWLEILMIGLVWRSMEHPGKLLFAPNLLLDRNQGKCVEGMVEIFDMLLATSSRFRMMNLQGEEFVCLKSIIL
LNSGVYTFLSSTLKSLEEKDHIHRVLDKITDTLIHLMAKAGLTLQQQHQRLAQLLLILSHIRHMSNKGMEHLYSMK
(CSO)KNVVPLSDLLLEMLDAHRLHAP
;
A
2 'polypeptide(L)'
;GSHMKKNSLALSLTADQMVSALLDAEPPILYSEYDPTRPFSEASMMGLLTNLADRELVHMINWAKRVPGFVDLTLHDQVH
LLE(CSO)AWLEILMIGLVWRSMEHPGKLLFAPNLLLDRNQGK(CSO)VEGMVEIFDMLLATSSRFRMMNLQGEEFVCLK
SIILLNSGVYTFLSSTLKSLEEKDHIHRVLDKITDTLIHLMAKAGLTLQQQHQRLAQLLLILSHIRHMSNKGMEHLYSMK
(CSO)KNVVPLSDLLLEMLDAHRLHAP
;
B
3 'polypeptide(L)' RHKILHRLLQEGS C,D
#
loop_
_chem_comp.id
_chem_comp.type
_chem_comp.name
_chem_comp.formula
27L non-polymer 4-(2,4,4-trimethylpentan-2-yl)phenol 'C14 H22 O'
#
# COMPACT_ATOMS: atom_id res chain seq x y z
N SER A 8 5.31 24.16 -16.59
CA SER A 8 5.12 23.89 -15.16
C SER A 8 6.27 24.43 -14.33
N LEU A 9 5.94 25.24 -13.33
CA LEU A 9 6.95 25.78 -12.42
C LEU A 9 7.42 24.71 -11.45
N ALA A 10 6.60 23.67 -11.29
CA ALA A 10 6.90 22.59 -10.36
C ALA A 10 8.18 21.85 -10.74
N LEU A 11 8.34 21.58 -12.03
CA LEU A 11 9.49 20.81 -12.52
C LEU A 11 10.76 21.67 -12.58
N SER A 12 10.65 22.93 -12.16
CA SER A 12 11.77 23.85 -12.23
C SER A 12 12.32 24.20 -10.85
N LEU A 13 11.70 23.66 -9.81
CA LEU A 13 12.13 23.95 -8.44
C LEU A 13 13.37 23.16 -8.04
N THR A 14 14.27 23.81 -7.31
CA THR A 14 15.39 23.11 -6.72
C THR A 14 14.86 22.30 -5.54
N ALA A 15 15.66 21.36 -5.05
CA ALA A 15 15.28 20.55 -3.90
C ALA A 15 14.92 21.45 -2.73
N ASP A 16 15.74 22.47 -2.49
CA ASP A 16 15.51 23.39 -1.38
C ASP A 16 14.22 24.18 -1.56
N GLN A 17 13.96 24.64 -2.77
CA GLN A 17 12.74 25.39 -3.06
C GLN A 17 11.50 24.51 -2.88
N MET A 18 11.64 23.24 -3.24
CA MET A 18 10.54 22.28 -3.06
C MET A 18 10.19 22.12 -1.59
N VAL A 19 11.20 21.88 -0.76
CA VAL A 19 11.00 21.77 0.69
C VAL A 19 10.37 23.03 1.25
N SER A 20 10.87 24.19 0.84
CA SER A 20 10.33 25.46 1.29
CA SER A 20 10.33 25.47 1.29
C SER A 20 8.85 25.60 0.93
N ALA A 21 8.52 25.29 -0.32
CA ALA A 21 7.13 25.38 -0.78
C ALA A 21 6.22 24.47 0.04
N LEU A 22 6.67 23.25 0.28
CA LEU A 22 5.87 22.27 1.03
C LEU A 22 5.69 22.66 2.50
N LEU A 23 6.77 23.08 3.15
CA LEU A 23 6.69 23.54 4.53
C LEU A 23 5.77 24.75 4.65
N ASP A 24 5.87 25.66 3.69
CA ASP A 24 5.05 26.87 3.69
C ASP A 24 3.56 26.57 3.54
N ALA A 25 3.25 25.44 2.93
CA ALA A 25 1.88 25.09 2.59
C ALA A 25 1.21 24.24 3.67
N GLU A 26 1.95 23.92 4.73
CA GLU A 26 1.42 23.07 5.80
C GLU A 26 0.14 23.66 6.40
N PRO A 27 -0.89 22.83 6.54
CA PRO A 27 -2.14 23.26 7.18
C PRO A 27 -1.93 23.45 8.66
N PRO A 28 -2.84 24.16 9.34
CA PRO A 28 -2.74 24.36 10.78
C PRO A 28 -3.24 23.14 11.54
N ILE A 29 -2.85 23.01 12.80
CA ILE A 29 -3.37 21.95 13.65
C ILE A 29 -4.64 22.44 14.35
N LEU A 30 -5.76 21.77 14.08
CA LEU A 30 -7.06 22.23 14.57
C LEU A 30 -7.39 21.67 15.95
N TYR A 31 -8.34 22.31 16.63
CA TYR A 31 -8.79 21.83 17.93
C TYR A 31 -10.06 21.01 17.81
N SER A 32 -10.26 20.11 18.76
CA SER A 32 -11.49 19.33 18.82
C SER A 32 -12.46 20.04 19.74
N GLU A 33 -13.68 19.52 19.83
CA GLU A 33 -14.66 20.06 20.77
C GLU A 33 -14.63 19.28 22.08
N TYR A 34 -13.55 18.53 22.29
CA TYR A 34 -13.43 17.70 23.49
C TYR A 34 -13.48 18.54 24.76
N ASP A 35 -14.19 18.02 25.76
CA ASP A 35 -14.36 18.67 27.05
C ASP A 35 -14.17 17.62 28.14
N PRO A 36 -13.05 17.70 28.87
CA PRO A 36 -12.73 16.67 29.88
C PRO A 36 -13.76 16.57 31.01
N THR A 37 -14.63 17.57 31.12
CA THR A 37 -15.64 17.57 32.17
C THR A 37 -16.94 16.93 31.69
N ARG A 38 -17.10 16.85 30.38
CA ARG A 38 -18.30 16.26 29.78
C ARG A 38 -18.11 14.76 29.57
N PRO A 39 -19.16 13.97 29.83
CA PRO A 39 -19.12 12.53 29.58
C PRO A 39 -19.20 12.24 28.09
N PHE A 40 -18.48 11.22 27.64
CA PHE A 40 -18.50 10.85 26.23
C PHE A 40 -18.71 9.35 26.06
N SER A 41 -19.57 9.00 25.11
CA SER A 41 -19.78 7.60 24.76
C SER A 41 -18.79 7.22 23.66
N GLU A 42 -18.79 5.95 23.27
CA GLU A 42 -17.98 5.52 22.15
C GLU A 42 -18.43 6.32 20.93
N ALA A 43 -19.74 6.56 20.84
CA ALA A 43 -20.32 7.27 19.71
C ALA A 43 -19.93 8.74 19.65
N SER A 44 -20.09 9.46 20.76
CA SER A 44 -19.79 10.89 20.77
C SER A 44 -18.29 11.13 20.68
N MET A 45 -17.51 10.18 21.19
CA MET A 45 -16.06 10.20 21.04
C MET A 45 -15.74 10.14 19.54
N MET A 46 -16.38 9.23 18.83
CA MET A 46 -16.23 9.14 17.38
C MET A 46 -16.78 10.41 16.72
N GLY A 47 -17.78 11.01 17.35
CA GLY A 47 -18.38 12.23 16.84
C GLY A 47 -17.41 13.39 16.81
N LEU A 48 -16.58 13.50 17.85
CA LEU A 48 -15.55 14.54 17.90
C LEU A 48 -14.56 14.34 16.76
N LEU A 49 -14.19 13.10 16.51
CA LEU A 49 -13.18 12.79 15.51
C LEU A 49 -13.66 13.04 14.09
N THR A 50 -14.92 12.69 13.81
CA THR A 50 -15.48 12.93 12.49
C THR A 50 -15.70 14.42 12.26
N ASN A 51 -16.07 15.14 13.31
CA ASN A 51 -16.20 16.60 13.23
C ASN A 51 -14.84 17.23 12.89
N LEU A 52 -13.79 16.79 13.57
CA LEU A 52 -12.44 17.26 13.31
C LEU A 52 -11.99 16.91 11.88
N ALA A 53 -12.19 15.66 11.47
CA ALA A 53 -11.79 15.26 10.14
C ALA A 53 -12.42 16.15 9.07
N ASP A 54 -13.70 16.45 9.24
CA ASP A 54 -14.42 17.28 8.30
C ASP A 54 -13.79 18.66 8.16
N ARG A 55 -13.45 19.27 9.29
CA ARG A 55 -12.78 20.57 9.26
C ARG A 55 -11.37 20.47 8.65
N GLU A 56 -10.65 19.40 9.00
CA GLU A 56 -9.33 19.19 8.42
C GLU A 56 -9.36 19.03 6.91
N LEU A 57 -10.42 18.38 6.41
CA LEU A 57 -10.56 18.17 4.98
C LEU A 57 -10.61 19.48 4.19
N VAL A 58 -11.25 20.50 4.76
CA VAL A 58 -11.31 21.78 4.08
C VAL A 58 -9.91 22.38 3.91
N HIS A 59 -9.10 22.30 4.96
CA HIS A 59 -7.72 22.77 4.89
C HIS A 59 -6.87 21.90 3.98
N MET A 60 -7.16 20.62 3.94
CA MET A 60 -6.39 19.69 3.09
C MET A 60 -6.59 20.04 1.61
N ILE A 61 -7.84 20.33 1.25
CA ILE A 61 -8.14 20.67 -0.14
C ILE A 61 -7.36 21.89 -0.56
N ASN A 62 -7.30 22.89 0.31
CA ASN A 62 -6.58 24.11 -0.01
C ASN A 62 -5.07 23.92 0.07
N TRP A 63 -4.63 22.95 0.88
CA TRP A 63 -3.23 22.55 0.92
C TRP A 63 -2.80 21.87 -0.38
N ALA A 64 -3.66 21.01 -0.93
CA ALA A 64 -3.34 20.27 -2.14
C ALA A 64 -3.05 21.24 -3.29
N LYS A 65 -3.80 22.35 -3.33
CA LYS A 65 -3.62 23.38 -4.34
C LYS A 65 -2.22 23.98 -4.33
N ARG A 66 -1.53 23.85 -3.19
CA ARG A 66 -0.19 24.43 -3.06
C ARG A 66 0.95 23.42 -3.25
N VAL A 67 0.59 22.15 -3.43
CA VAL A 67 1.57 21.13 -3.74
C VAL A 67 2.02 21.31 -5.19
N PRO A 68 3.34 21.49 -5.40
CA PRO A 68 3.85 21.70 -6.76
C PRO A 68 3.34 20.66 -7.76
N GLY A 69 2.71 21.13 -8.83
CA GLY A 69 2.26 20.25 -9.89
C GLY A 69 0.77 19.95 -9.85
N PHE A 70 0.19 20.01 -8.66
CA PHE A 70 -1.19 19.60 -8.48
C PHE A 70 -2.19 20.41 -9.30
N VAL A 71 -2.00 21.73 -9.35
CA VAL A 71 -2.93 22.59 -10.09
C VAL A 71 -2.71 22.52 -11.60
N ASP A 72 -1.63 21.86 -12.01
CA ASP A 72 -1.39 21.63 -13.43
C ASP A 72 -2.35 20.59 -13.97
N LEU A 73 -2.92 19.79 -13.07
CA LEU A 73 -3.84 18.73 -13.45
C LEU A 73 -5.25 19.27 -13.67
N THR A 74 -6.06 18.51 -14.41
CA THR A 74 -7.45 18.89 -14.62
C THR A 74 -8.21 18.78 -13.32
N LEU A 75 -9.30 19.55 -13.20
CA LEU A 75 -10.15 19.47 -12.02
C LEU A 75 -10.55 18.02 -11.77
N HIS A 76 -10.94 17.33 -12.83
CA HIS A 76 -11.34 15.93 -12.74
C HIS A 76 -10.26 15.07 -12.11
N ASP A 77 -9.02 15.27 -12.53
CA ASP A 77 -7.89 14.49 -12.00
C ASP A 77 -7.56 14.89 -10.56
N GLN A 78 -7.72 16.17 -10.25
CA GLN A 78 -7.52 16.64 -8.88
C GLN A 78 -8.53 15.99 -7.95
N VAL A 79 -9.78 15.96 -8.37
CA VAL A 79 -10.86 15.35 -7.60
C VAL A 79 -10.56 13.89 -7.30
N HIS A 80 -10.08 13.18 -8.32
CA HIS A 80 -9.77 11.78 -8.18
C HIS A 80 -8.64 11.55 -7.17
N LEU A 81 -7.54 12.29 -7.31
CA LEU A 81 -6.41 12.10 -6.42
C LEU A 81 -6.80 12.30 -4.96
N LEU A 82 -7.55 13.37 -4.68
CA LEU A 82 -8.01 13.65 -3.32
C LEU A 82 -9.03 12.63 -2.83
N GLU A 83 -9.91 12.18 -3.71
CA GLU A 83 -10.86 11.15 -3.31
C GLU A 83 -10.14 9.87 -2.90
N CSO A 84 -9.06 9.54 -3.59
CA CSO A 84 -8.32 8.33 -3.28
CA CSO A 84 -8.30 8.33 -3.28
CB CSO A 84 -7.51 7.88 -4.51
CB CSO A 84 -7.43 7.89 -4.46
SG CSO A 84 -6.66 6.33 -4.17
SG CSO A 84 -8.44 7.44 -5.89
C CSO A 84 -7.42 8.50 -2.06
O CSO A 84 -7.28 7.59 -1.25
OD CSO A 84 -7.76 4.96 -4.51
OD CSO A 84 -9.02 5.76 -5.73
N ALA A 85 -6.84 9.68 -1.91
CA ALA A 85 -5.80 9.89 -0.90
C ALA A 85 -6.22 10.51 0.43
N TRP A 86 -7.43 11.03 0.53
CA TRP A 86 -7.78 11.88 1.68
C TRP A 86 -7.55 11.24 3.05
N LEU A 87 -7.96 9.98 3.23
CA LEU A 87 -7.81 9.35 4.54
C LEU A 87 -6.35 9.02 4.86
N GLU A 88 -5.60 8.58 3.84
CA GLU A 88 -4.16 8.34 4.01
C GLU A 88 -3.48 9.62 4.46
N ILE A 89 -3.90 10.74 3.90
CA ILE A 89 -3.32 12.04 4.25
C ILE A 89 -3.67 12.49 5.66
N LEU A 90 -4.94 12.34 6.05
CA LEU A 90 -5.32 12.61 7.43
C LEU A 90 -4.54 11.73 8.40
N MET A 91 -4.40 10.45 8.06
CA MET A 91 -3.71 9.50 8.92
C MET A 91 -2.21 9.77 9.08
N ILE A 92 -1.51 10.06 7.99
CA ILE A 92 -0.10 10.38 8.10
C ILE A 92 0.12 11.65 8.91
N GLY A 93 -0.78 12.62 8.77
CA GLY A 93 -0.71 13.85 9.55
C GLY A 93 -0.89 13.55 11.03
N LEU A 94 -1.87 12.70 11.34
CA LEU A 94 -2.12 12.28 12.71
C LEU A 94 -0.91 11.55 13.30
N VAL A 95 -0.35 10.61 12.53
CA VAL A 95 0.83 9.89 12.99
C VAL A 95 2.01 10.82 13.23
N TRP A 96 2.16 11.82 12.35
CA TRP A 96 3.19 12.83 12.53
C TRP A 96 3.03 13.62 13.83
N ARG A 97 1.81 14.11 14.09
CA ARG A 97 1.52 14.88 15.30
C ARG A 97 1.80 14.08 16.57
N SER A 98 1.69 12.77 16.46
CA SER A 98 1.70 11.87 17.61
C SER A 98 3.08 11.30 17.89
N MET A 99 4.02 11.57 16.99
CA MET A 99 5.33 10.95 17.04
C MET A 99 6.05 11.13 18.38
N GLU A 100 5.85 12.27 19.02
CA GLU A 100 6.53 12.55 20.29
C GLU A 100 5.65 12.24 21.51
N HIS A 101 4.63 11.42 21.29
CA HIS A 101 3.74 11.00 22.37
C HIS A 101 3.59 9.49 22.38
N PRO A 102 4.65 8.79 22.83
CA PRO A 102 4.68 7.32 22.83
C PRO A 102 3.41 6.72 23.39
N GLY A 103 2.77 5.85 22.62
CA GLY A 103 1.59 5.14 23.06
C GLY A 103 0.30 5.94 22.97
N LYS A 104 0.37 7.16 22.43
CA LYS A 104 -0.82 7.98 22.33
C LYS A 104 -0.97 8.61 20.94
N LEU A 105 -2.20 8.94 20.59
CA LEU A 105 -2.49 9.64 19.35
C LEU A 105 -2.99 11.05 19.63
N LEU A 106 -2.27 12.04 19.12
CA LEU A 106 -2.63 13.44 19.30
C LEU A 106 -3.58 13.88 18.19
N PHE A 107 -4.86 13.57 18.35
CA PHE A 107 -5.86 13.99 17.37
C PHE A 107 -5.93 15.50 17.29
N ALA A 108 -5.76 16.13 18.43
CA ALA A 108 -5.75 17.58 18.53
C ALA A 108 -4.99 17.97 19.78
N PRO A 109 -4.51 19.21 19.86
CA PRO A 109 -3.76 19.60 21.05
C PRO A 109 -4.55 19.31 22.33
N ASN A 110 -5.86 19.35 22.27
CA ASN A 110 -6.70 19.13 23.44
C ASN A 110 -7.35 17.75 23.48
N LEU A 111 -6.84 16.83 22.67
CA LEU A 111 -7.38 15.49 22.60
C LEU A 111 -6.26 14.50 22.31
N LEU A 112 -5.67 13.97 23.38
CA LEU A 112 -4.58 13.01 23.28
C LEU A 112 -5.04 11.70 23.92
N LEU A 113 -5.11 10.64 23.11
CA LEU A 113 -5.71 9.38 23.55
C LEU A 113 -4.76 8.20 23.52
N ASP A 114 -4.91 7.31 24.50
CA ASP A 114 -4.25 6.01 24.45
C ASP A 114 -5.23 5.00 23.86
N ARG A 115 -4.76 3.79 23.56
CA ARG A 115 -5.59 2.81 22.87
C ARG A 115 -6.84 2.46 23.65
N ASN A 116 -6.83 2.73 24.96
CA ASN A 116 -7.96 2.41 25.82
C ASN A 116 -9.25 3.10 25.40
N GLN A 117 -9.24 4.43 25.46
CA GLN A 117 -10.43 5.21 25.13
C GLN A 117 -11.01 4.86 23.76
N GLY A 118 -10.14 4.42 22.86
CA GLY A 118 -10.54 4.09 21.50
C GLY A 118 -11.52 2.93 21.43
N LYS A 119 -12.58 3.02 22.23
CA LYS A 119 -13.60 1.98 22.26
C LYS A 119 -14.13 1.66 20.87
N CYS A 120 -14.47 0.39 20.67
CA CYS A 120 -15.04 -0.09 19.40
C CYS A 120 -13.96 -0.49 18.39
N GLY A 123 -13.04 -2.92 15.70
CA GLY A 123 -12.92 -2.15 14.47
C GLY A 123 -11.97 -0.97 14.61
N MET A 124 -12.36 0.01 15.41
CA MET A 124 -11.53 1.19 15.62
C MET A 124 -10.29 0.85 16.45
N VAL A 125 -10.40 -0.20 17.26
CA VAL A 125 -9.28 -0.65 18.09
C VAL A 125 -8.07 -1.07 17.26
N GLU A 126 -8.30 -1.86 16.23
CA GLU A 126 -7.20 -2.32 15.39
C GLU A 126 -6.57 -1.16 14.64
N ILE A 127 -7.40 -0.23 14.20
CA ILE A 127 -6.92 0.94 13.46
C ILE A 127 -6.07 1.83 14.35
N PHE A 128 -6.56 2.08 15.57
CA PHE A 128 -5.77 2.81 16.56
C PHE A 128 -4.41 2.15 16.75
N ASP A 129 -4.39 0.82 16.91
CA ASP A 129 -3.15 0.10 17.09
C ASP A 129 -2.18 0.26 15.91
N MET A 130 -2.73 0.25 14.69
CA MET A 130 -1.90 0.41 13.51
C MET A 130 -1.28 1.81 13.47
N LEU A 131 -2.09 2.81 13.82
CA LEU A 131 -1.59 4.19 13.83
C LEU A 131 -0.47 4.37 14.85
N LEU A 132 -0.62 3.76 16.02
CA LEU A 132 0.40 3.87 17.06
C LEU A 132 1.69 3.21 16.62
N ALA A 133 1.56 2.08 15.94
CA ALA A 133 2.71 1.36 15.42
C ALA A 133 3.43 2.19 14.39
N THR A 134 2.67 2.92 13.57
CA THR A 134 3.26 3.76 12.55
C THR A 134 4.02 4.91 13.22
N SER A 135 3.41 5.50 14.24
CA SER A 135 4.06 6.59 14.98
CA SER A 135 4.06 6.59 14.96
C SER A 135 5.33 6.06 15.61
N SER A 136 5.25 4.87 16.19
CA SER A 136 6.42 4.22 16.79
C SER A 136 7.51 4.05 15.74
N ARG A 137 7.12 3.64 14.54
CA ARG A 137 8.07 3.48 13.45
C ARG A 137 8.73 4.81 13.07
N PHE A 138 7.92 5.87 12.97
CA PHE A 138 8.44 7.20 12.69
C PHE A 138 9.47 7.61 13.74
N ARG A 139 9.18 7.28 15.00
CA ARG A 139 10.08 7.61 16.09
C ARG A 139 11.38 6.81 16.01
N MET A 140 11.28 5.51 15.71
CA MET A 140 12.47 4.68 15.54
C MET A 140 13.40 5.31 14.51
N MET A 141 12.81 5.75 13.39
CA MET A 141 13.59 6.30 12.28
C MET A 141 13.99 7.74 12.51
N ASN A 142 13.44 8.37 13.55
CA ASN A 142 13.64 9.80 13.76
C ASN A 142 13.27 10.58 12.51
N LEU A 143 12.05 10.39 12.03
CA LEU A 143 11.57 11.09 10.85
C LEU A 143 11.61 12.62 11.02
N GLN A 144 12.14 13.30 10.01
CA GLN A 144 12.25 14.76 10.03
C GLN A 144 11.07 15.44 9.36
N GLY A 145 10.74 16.65 9.80
CA GLY A 145 9.63 17.40 9.25
C GLY A 145 9.73 17.56 7.73
N GLU A 146 10.96 17.78 7.26
CA GLU A 146 11.20 17.93 5.83
C GLU A 146 10.86 16.64 5.06
N GLU A 147 11.18 15.50 5.67
CA GLU A 147 10.88 14.20 5.07
C GLU A 147 9.38 13.96 5.09
N PHE A 148 8.75 14.30 6.20
CA PHE A 148 7.30 14.15 6.35
C PHE A 148 6.50 14.87 5.26
N VAL A 149 6.80 16.14 5.00
CA VAL A 149 6.05 16.87 3.99
C VAL A 149 6.23 16.27 2.59
N CYS A 150 7.42 15.73 2.31
CA CYS A 150 7.65 15.03 1.06
C CYS A 150 6.76 13.79 0.95
N LEU A 151 6.71 13.00 2.01
CA LEU A 151 5.89 11.80 2.04
C LEU A 151 4.41 12.11 1.82
N LYS A 152 3.93 13.17 2.46
CA LYS A 152 2.52 13.49 2.38
C LYS A 152 2.14 13.86 0.94
N SER A 153 3.01 14.63 0.29
CA SER A 153 2.80 15.01 -1.10
C SER A 153 2.89 13.82 -2.04
N ILE A 154 3.78 12.87 -1.73
CA ILE A 154 3.86 11.64 -2.51
C ILE A 154 2.55 10.87 -2.46
N ILE A 155 1.95 10.80 -1.27
CA ILE A 155 0.64 10.14 -1.13
C ILE A 155 -0.43 10.81 -2.01
N LEU A 156 -0.53 12.13 -1.93
CA LEU A 156 -1.50 12.84 -2.75
C LEU A 156 -1.36 12.47 -4.23
N LEU A 157 -0.13 12.41 -4.70
CA LEU A 157 0.13 12.22 -6.13
C LEU A 157 0.11 10.77 -6.57
N ASN A 158 0.47 9.87 -5.66
CA ASN A 158 0.65 8.45 -6.02
C ASN A 158 -0.61 7.60 -5.85
N SER A 159 -1.39 7.86 -4.81
CA SER A 159 -2.44 6.92 -4.40
C SER A 159 -3.50 6.68 -5.47
N GLY A 160 -3.87 7.72 -6.22
CA GLY A 160 -4.89 7.56 -7.23
C GLY A 160 -4.38 7.39 -8.65
N VAL A 161 -3.06 7.38 -8.82
CA VAL A 161 -2.48 7.45 -10.15
C VAL A 161 -2.74 6.25 -11.05
N TYR A 162 -2.99 5.08 -10.47
CA TYR A 162 -3.21 3.87 -11.27
C TYR A 162 -4.68 3.47 -11.38
N THR A 163 -5.57 4.33 -10.87
CA THR A 163 -7.00 4.05 -10.95
C THR A 163 -7.77 5.16 -11.68
N PHE A 164 -7.08 5.88 -12.56
CA PHE A 164 -7.75 6.91 -13.35
C PHE A 164 -8.75 6.29 -14.32
N SER A 167 -8.90 6.46 -20.54
CA SER A 167 -9.86 7.02 -21.48
C SER A 167 -9.25 7.16 -22.88
N THR A 168 -8.18 7.94 -22.98
CA THR A 168 -7.50 8.15 -24.24
C THR A 168 -5.98 8.16 -24.04
N LEU A 169 -5.25 8.36 -25.12
CA LEU A 169 -3.79 8.48 -25.04
C LEU A 169 -3.39 9.84 -24.49
N LYS A 170 -4.29 10.82 -24.63
CA LYS A 170 -4.05 12.15 -24.11
C LYS A 170 -4.23 12.16 -22.59
N SER A 171 -5.23 11.43 -22.11
CA SER A 171 -5.46 11.31 -20.67
C SER A 171 -4.29 10.61 -20.01
N LEU A 172 -3.40 10.05 -20.82
CA LEU A 172 -2.20 9.38 -20.34
C LEU A 172 -1.07 10.38 -20.08
N GLU A 173 -1.11 11.51 -20.78
CA GLU A 173 -0.12 12.56 -20.57
C GLU A 173 -0.27 13.16 -19.18
N GLU A 174 -1.50 13.19 -18.69
CA GLU A 174 -1.78 13.67 -17.34
C GLU A 174 -0.97 12.86 -16.33
N LYS A 175 -0.96 11.55 -16.51
CA LYS A 175 -0.24 10.65 -15.62
C LYS A 175 1.28 10.79 -15.78
N ASP A 176 1.71 11.15 -16.98
CA ASP A 176 3.14 11.33 -17.24
C ASP A 176 3.70 12.48 -16.39
N HIS A 177 2.94 13.56 -16.31
CA HIS A 177 3.34 14.72 -15.54
C HIS A 177 3.41 14.40 -14.04
N ILE A 178 2.47 13.60 -13.56
CA ILE A 178 2.48 13.18 -12.16
C ILE A 178 3.75 12.41 -11.83
N HIS A 179 4.14 11.49 -12.72
CA HIS A 179 5.34 10.70 -12.48
C HIS A 179 6.59 11.56 -12.43
N ARG A 180 6.62 12.63 -13.24
CA ARG A 180 7.77 13.54 -13.24
C ARG A 180 7.87 14.32 -11.93
N VAL A 181 6.71 14.74 -11.40
CA VAL A 181 6.69 15.44 -10.13
C VAL A 181 7.08 14.48 -9.00
N LEU A 182 6.59 13.25 -9.07
CA LEU A 182 6.96 12.24 -8.08
C LEU A 182 8.47 12.03 -8.07
N ASP A 183 9.08 11.95 -9.25
CA ASP A 183 10.53 11.81 -9.34
C ASP A 183 11.25 13.00 -8.69
N LYS A 184 10.70 14.19 -8.87
CA LYS A 184 11.28 15.38 -8.27
C LYS A 184 11.27 15.30 -6.74
N ILE A 185 10.18 14.78 -6.20
CA ILE A 185 10.07 14.61 -4.74
C ILE A 185 11.08 13.57 -4.24
N THR A 186 11.29 12.51 -5.02
CA THR A 186 12.31 11.52 -4.68
C THR A 186 13.68 12.19 -4.62
N ASP A 187 13.99 12.99 -5.64
CA ASP A 187 15.25 13.74 -5.68
C ASP A 187 15.38 14.61 -4.43
N THR A 188 14.27 15.17 -4.00
CA THR A 188 14.25 16.06 -2.84
C THR A 188 14.55 15.30 -1.56
N LEU A 189 13.95 14.12 -1.42
CA LEU A 189 14.23 13.25 -0.28
C LEU A 189 15.71 12.88 -0.19
N ILE A 190 16.28 12.46 -1.32
CA ILE A 190 17.67 12.04 -1.34
C ILE A 190 18.58 13.23 -1.00
N HIS A 191 18.23 14.39 -1.54
CA HIS A 191 18.93 15.63 -1.25
C HIS A 191 18.98 15.94 0.24
N LEU A 192 17.84 15.79 0.91
CA LEU A 192 17.74 16.00 2.34
C LEU A 192 18.63 15.02 3.12
N MET A 193 18.58 13.76 2.73
CA MET A 193 19.37 12.74 3.42
C MET A 193 20.86 12.93 3.20
N ALA A 194 21.22 13.36 2.00
CA ALA A 194 22.62 13.63 1.69
C ALA A 194 23.14 14.73 2.61
N LYS A 195 22.26 15.68 2.92
CA LYS A 195 22.61 16.80 3.79
C LYS A 195 22.72 16.34 5.25
N ALA A 196 21.92 15.35 5.64
CA ALA A 196 21.97 14.79 6.98
C ALA A 196 23.25 14.00 7.21
N GLY A 197 24.10 13.93 6.19
CA GLY A 197 25.37 13.24 6.30
C GLY A 197 25.30 11.74 6.10
N LEU A 198 24.21 11.27 5.50
CA LEU A 198 24.07 9.83 5.23
C LEU A 198 24.93 9.39 4.06
N THR A 199 25.52 8.20 4.19
CA THR A 199 26.24 7.60 3.07
C THR A 199 25.24 7.21 1.99
N LEU A 200 25.74 7.02 0.78
CA LEU A 200 24.87 6.68 -0.36
C LEU A 200 24.05 5.42 -0.08
N GLN A 201 24.67 4.44 0.57
CA GLN A 201 23.99 3.21 0.93
C GLN A 201 22.89 3.49 1.95
N GLN A 202 23.19 4.37 2.90
CA GLN A 202 22.22 4.75 3.91
C GLN A 202 21.05 5.54 3.33
N GLN A 203 21.33 6.37 2.33
CA GLN A 203 20.30 7.14 1.66
C GLN A 203 19.30 6.22 0.99
N HIS A 204 19.81 5.25 0.23
CA HIS A 204 18.92 4.33 -0.48
C HIS A 204 18.11 3.51 0.51
N GLN A 205 18.75 3.07 1.58
CA GLN A 205 18.06 2.28 2.60
C GLN A 205 16.95 3.08 3.27
N ARG A 206 17.25 4.33 3.63
CA ARG A 206 16.26 5.17 4.28
C ARG A 206 15.11 5.51 3.34
N LEU A 207 15.43 5.81 2.09
CA LEU A 207 14.40 6.10 1.10
C LEU A 207 13.44 4.92 1.02
N ALA A 208 13.99 3.72 0.92
CA ALA A 208 13.18 2.50 0.89
C ALA A 208 12.31 2.38 2.13
N GLN A 209 12.92 2.59 3.30
CA GLN A 209 12.20 2.51 4.56
C GLN A 209 11.01 3.47 4.60
N LEU A 210 11.22 4.71 4.17
CA LEU A 210 10.13 5.69 4.13
C LEU A 210 9.01 5.29 3.19
N LEU A 211 9.36 4.82 2.00
CA LEU A 211 8.34 4.47 1.02
C LEU A 211 7.55 3.21 1.40
N LEU A 212 8.20 2.27 2.10
CA LEU A 212 7.50 1.07 2.52
C LEU A 212 6.43 1.36 3.56
N ILE A 213 6.63 2.44 4.32
CA ILE A 213 5.61 2.85 5.28
C ILE A 213 4.32 3.25 4.56
N LEU A 214 4.45 3.74 3.33
CA LEU A 214 3.28 4.16 2.55
C LEU A 214 2.34 2.99 2.25
N SER A 215 2.91 1.78 2.17
CA SER A 215 2.12 0.57 1.99
CA SER A 215 2.10 0.60 1.97
C SER A 215 1.24 0.33 3.21
N HIS A 216 1.82 0.54 4.39
CA HIS A 216 1.10 0.38 5.63
CA HIS A 216 1.10 0.39 5.64
C HIS A 216 0.03 1.46 5.79
N ILE A 217 0.35 2.67 5.35
CA ILE A 217 -0.64 3.75 5.39
C ILE A 217 -1.82 3.46 4.46
N ARG A 218 -1.53 2.90 3.29
CA ARG A 218 -2.62 2.53 2.39
C ARG A 218 -3.51 1.49 3.04
N HIS A 219 -2.88 0.52 3.70
CA HIS A 219 -3.61 -0.52 4.41
C HIS A 219 -4.53 0.08 5.49
N MET A 220 -4.00 1.00 6.28
CA MET A 220 -4.78 1.62 7.34
C MET A 220 -5.95 2.40 6.76
N SER A 221 -5.72 3.07 5.63
CA SER A 221 -6.79 3.84 5.00
C SER A 221 -7.91 2.93 4.54
N ASN A 222 -7.53 1.81 3.92
CA ASN A 222 -8.54 0.85 3.47
C ASN A 222 -9.38 0.32 4.62
N LYS A 223 -8.73 -0.01 5.72
CA LYS A 223 -9.43 -0.47 6.91
C LYS A 223 -10.33 0.62 7.48
N GLY A 224 -9.80 1.84 7.53
CA GLY A 224 -10.55 2.98 8.01
C GLY A 224 -11.76 3.27 7.13
N MET A 225 -11.60 3.12 5.83
CA MET A 225 -12.69 3.41 4.91
C MET A 225 -13.83 2.44 5.12
N GLU A 226 -13.50 1.18 5.39
CA GLU A 226 -14.52 0.18 5.69
C GLU A 226 -15.19 0.47 7.04
N HIS A 227 -14.42 0.94 8.01
CA HIS A 227 -15.02 1.28 9.30
C HIS A 227 -15.98 2.47 9.16
N LEU A 228 -15.59 3.45 8.35
CA LEU A 228 -16.43 4.62 8.13
C LEU A 228 -17.74 4.21 7.47
N TYR A 229 -17.66 3.28 6.53
CA TYR A 229 -18.85 2.79 5.84
C TYR A 229 -19.82 2.12 6.82
N SER A 230 -19.29 1.36 7.77
CA SER A 230 -20.15 0.71 8.76
C SER A 230 -20.76 1.73 9.70
N MET A 231 -20.06 2.82 9.95
CA MET A 231 -20.58 3.90 10.79
C MET A 231 -21.75 4.59 10.11
N LYS A 232 -21.64 4.77 8.80
CA LYS A 232 -22.73 5.37 8.02
C LYS A 232 -23.97 4.50 8.17
N CSO A 233 -23.79 3.21 7.95
CA CSO A 233 -24.87 2.24 8.02
CB CSO A 233 -24.32 0.83 7.70
SG CSO A 233 -24.02 0.69 5.93
C CSO A 233 -25.57 2.22 9.37
O CSO A 233 -26.80 2.17 9.43
OD CSO A 233 -24.07 2.28 5.14
N LYS A 234 -24.81 2.31 10.44
CA LYS A 234 -25.36 2.29 11.80
C LYS A 234 -26.08 3.60 12.16
N ASN A 235 -25.69 4.68 11.50
CA ASN A 235 -26.33 5.98 11.67
C ASN A 235 -26.45 6.46 13.12
N VAL A 236 -25.43 6.20 13.92
CA VAL A 236 -25.38 6.76 15.27
C VAL A 236 -24.45 7.97 15.28
N VAL A 237 -23.27 7.81 14.68
CA VAL A 237 -22.30 8.88 14.58
C VAL A 237 -22.65 9.81 13.41
N PRO A 238 -22.73 11.11 13.68
CA PRO A 238 -22.99 12.10 12.63
C PRO A 238 -21.82 12.16 11.66
N LEU A 239 -22.10 12.15 10.37
CA LEU A 239 -21.06 12.31 9.35
C LEU A 239 -21.42 13.47 8.44
N SER A 240 -20.45 14.34 8.18
CA SER A 240 -20.68 15.52 7.36
C SER A 240 -20.98 15.14 5.92
N ASP A 241 -21.57 16.07 5.16
CA ASP A 241 -21.86 15.80 3.75
C ASP A 241 -20.57 15.58 2.97
N LEU A 242 -19.52 16.31 3.31
CA LEU A 242 -18.25 16.16 2.63
C LEU A 242 -17.65 14.78 2.89
N LEU A 243 -17.73 14.34 4.14
CA LEU A 243 -17.18 13.04 4.52
C LEU A 243 -17.97 11.93 3.84
N LEU A 244 -19.28 12.10 3.78
CA LEU A 244 -20.14 11.13 3.11
C LEU A 244 -19.84 11.05 1.62
N GLU A 245 -19.58 12.19 0.98
CA GLU A 245 -19.24 12.19 -0.44
C GLU A 245 -17.86 11.58 -0.70
N MET A 246 -16.92 11.80 0.22
CA MET A 246 -15.58 11.22 0.07
C MET A 246 -15.64 9.71 0.27
N LEU A 247 -16.51 9.27 1.17
CA LEU A 247 -16.72 7.85 1.39
C LEU A 247 -17.33 7.21 0.15
N ASP A 248 -18.40 7.83 -0.35
CA ASP A 248 -19.12 7.33 -1.51
C ASP A 248 -18.18 7.12 -2.70
N ALA A 249 -17.18 7.98 -2.81
CA ALA A 249 -16.22 7.91 -3.92
C ALA A 249 -15.43 6.61 -3.93
N HIS A 250 -15.38 5.92 -2.80
CA HIS A 250 -14.66 4.65 -2.74
C HIS A 250 -15.55 3.47 -3.10
N ARG A 251 -16.86 3.70 -3.13
CA ARG A 251 -17.82 2.72 -3.64
C ARG A 251 -17.79 1.40 -2.88
N LEU A 252 -17.75 1.48 -1.56
CA LEU A 252 -17.74 0.28 -0.73
C LEU A 252 -19.10 -0.41 -0.75
N LYS B 6 21.62 -17.27 16.96
CA LYS B 6 20.75 -16.10 16.82
C LYS B 6 20.98 -15.38 15.49
N ASN B 7 22.25 -15.17 15.13
CA ASN B 7 22.59 -14.49 13.89
C ASN B 7 22.08 -15.23 12.65
N SER B 8 21.53 -14.47 11.72
CA SER B 8 20.93 -15.03 10.50
C SER B 8 21.92 -15.04 9.33
N LEU B 9 21.92 -16.15 8.59
CA LEU B 9 22.81 -16.30 7.44
C LEU B 9 22.47 -15.31 6.33
N ALA B 10 21.22 -14.87 6.30
CA ALA B 10 20.75 -13.96 5.26
C ALA B 10 21.60 -12.70 5.16
N LEU B 11 21.95 -12.15 6.31
CA LEU B 11 22.68 -10.88 6.36
C LEU B 11 24.13 -11.04 5.89
N SER B 12 24.62 -12.27 5.91
CA SER B 12 26.00 -12.53 5.51
C SER B 12 26.15 -12.78 4.00
N LEU B 13 25.02 -12.93 3.31
CA LEU B 13 25.04 -13.17 1.86
C LEU B 13 25.44 -11.91 1.09
N THR B 14 26.02 -12.10 -0.08
CA THR B 14 26.35 -10.99 -0.98
C THR B 14 25.15 -10.71 -1.88
N ALA B 15 25.18 -9.58 -2.57
CA ALA B 15 24.10 -9.19 -3.47
C ALA B 15 23.82 -10.29 -4.49
N ASP B 16 24.87 -10.76 -5.17
CA ASP B 16 24.73 -11.83 -6.15
C ASP B 16 24.18 -13.11 -5.52
N GLN B 17 24.65 -13.44 -4.34
CA GLN B 17 24.14 -14.63 -3.63
C GLN B 17 22.66 -14.48 -3.33
N MET B 18 22.25 -13.31 -2.89
CA MET B 18 20.86 -13.03 -2.60
C MET B 18 19.98 -13.20 -3.85
N VAL B 19 20.40 -12.60 -4.95
CA VAL B 19 19.68 -12.71 -6.21
C VAL B 19 19.54 -14.17 -6.64
N SER B 20 20.66 -14.90 -6.61
CA SER B 20 20.64 -16.31 -6.99
CA SER B 20 20.67 -16.31 -6.96
C SER B 20 19.71 -17.12 -6.08
N ALA B 21 19.78 -16.87 -4.78
CA ALA B 21 18.91 -17.58 -3.84
C ALA B 21 17.43 -17.36 -4.16
N LEU B 22 17.05 -16.11 -4.41
CA LEU B 22 15.66 -15.77 -4.71
C LEU B 22 15.19 -16.35 -6.05
N LEU B 23 16.04 -16.28 -7.06
CA LEU B 23 15.69 -16.83 -8.37
C LEU B 23 15.50 -18.33 -8.26
N ASP B 24 16.28 -18.96 -7.40
CA ASP B 24 16.25 -20.41 -7.23
C ASP B 24 15.01 -20.84 -6.44
N ALA B 25 14.54 -19.96 -5.57
CA ALA B 25 13.38 -20.26 -4.73
C ALA B 25 12.06 -20.13 -5.49
N GLU B 26 12.12 -19.57 -6.70
CA GLU B 26 10.91 -19.27 -7.47
C GLU B 26 10.00 -20.49 -7.61
N PRO B 27 8.71 -20.30 -7.31
CA PRO B 27 7.76 -21.40 -7.52
C PRO B 27 7.47 -21.62 -8.99
N PRO B 28 6.96 -22.81 -9.34
CA PRO B 28 6.63 -23.15 -10.72
C PRO B 28 5.35 -22.45 -11.19
N ILE B 29 5.19 -22.31 -12.49
CA ILE B 29 3.95 -21.78 -13.05
C ILE B 29 2.97 -22.93 -13.25
N LEU B 30 1.84 -22.88 -12.54
CA LEU B 30 0.87 -23.98 -12.54
C LEU B 30 -0.14 -23.82 -13.66
N TYR B 31 -0.80 -24.93 -14.01
CA TYR B 31 -1.85 -24.91 -15.03
C TYR B 31 -3.23 -24.97 -14.41
N SER B 32 -4.21 -24.47 -15.15
CA SER B 32 -5.62 -24.61 -14.80
C SER B 32 -6.15 -25.91 -15.42
N GLU B 33 -7.46 -26.12 -15.34
CA GLU B 33 -8.08 -27.29 -15.96
C GLU B 33 -8.01 -27.20 -17.48
N TYR B 34 -7.94 -28.36 -18.15
CA TYR B 34 -7.74 -28.39 -19.59
C TYR B 34 -9.03 -28.36 -20.41
N ASP B 35 -10.16 -28.15 -19.74
CA ASP B 35 -11.43 -28.03 -20.43
C ASP B 35 -11.44 -26.80 -21.33
N PRO B 36 -11.89 -26.98 -22.59
CA PRO B 36 -11.85 -25.93 -23.63
C PRO B 36 -12.88 -24.82 -23.41
N THR B 37 -13.80 -25.04 -22.48
CA THR B 37 -14.88 -24.09 -22.24
C THR B 37 -14.39 -22.82 -21.56
N ARG B 38 -14.27 -21.74 -22.33
CA ARG B 38 -13.93 -20.45 -21.77
C ARG B 38 -14.97 -20.09 -20.71
N PRO B 39 -14.55 -19.99 -19.44
CA PRO B 39 -15.47 -19.80 -18.32
C PRO B 39 -16.33 -18.57 -18.50
N PHE B 40 -17.65 -18.76 -18.48
CA PHE B 40 -18.58 -17.65 -18.65
C PHE B 40 -19.42 -17.45 -17.40
N SER B 41 -19.57 -18.50 -16.60
CA SER B 41 -20.35 -18.40 -15.37
C SER B 41 -19.48 -17.87 -14.25
N GLU B 42 -20.12 -17.29 -13.24
CA GLU B 42 -19.41 -16.83 -12.06
C GLU B 42 -18.85 -18.03 -11.31
N ALA B 43 -19.62 -19.12 -11.29
CA ALA B 43 -19.21 -20.32 -10.59
C ALA B 43 -17.98 -20.97 -11.22
N SER B 44 -18.02 -21.20 -12.54
CA SER B 44 -16.91 -21.86 -13.22
C SER B 44 -15.66 -20.99 -13.19
N MET B 45 -15.85 -19.70 -13.46
CA MET B 45 -14.78 -18.73 -13.41
C MET B 45 -14.07 -18.74 -12.06
N MET B 46 -14.82 -18.44 -11.01
CA MET B 46 -14.26 -18.35 -9.67
C MET B 46 -13.81 -19.71 -9.17
N GLY B 47 -14.47 -20.77 -9.63
CA GLY B 47 -14.05 -22.12 -9.32
C GLY B 47 -12.63 -22.38 -9.80
N LEU B 48 -12.35 -22.00 -11.04
CA LEU B 48 -11.03 -22.23 -11.62
C LEU B 48 -9.96 -21.41 -10.88
N LEU B 49 -10.30 -20.16 -10.58
CA LEU B 49 -9.34 -19.25 -9.95
C LEU B 49 -9.01 -19.65 -8.52
N THR B 50 -10.02 -20.04 -7.75
CA THR B 50 -9.79 -20.44 -6.36
C THR B 50 -9.06 -21.78 -6.29
N ASN B 51 -9.37 -22.69 -7.21
CA ASN B 51 -8.63 -23.94 -7.30
C ASN B 51 -7.15 -23.67 -7.55
N LEU B 52 -6.88 -22.79 -8.52
CA LEU B 52 -5.53 -22.39 -8.85
C LEU B 52 -4.84 -21.70 -7.66
N ALA B 53 -5.56 -20.78 -7.03
CA ALA B 53 -5.01 -20.05 -5.89
C ALA B 53 -4.62 -21.01 -4.77
N ASP B 54 -5.47 -22.00 -4.54
CA ASP B 54 -5.20 -22.98 -3.48
C ASP B 54 -3.91 -23.75 -3.77
N ARG B 55 -3.73 -24.19 -5.01
CA ARG B 55 -2.52 -24.89 -5.37
C ARG B 55 -1.29 -23.99 -5.32
N GLU B 56 -1.45 -22.73 -5.72
CA GLU B 56 -0.37 -21.78 -5.68
C GLU B 56 0.08 -21.50 -4.25
N LEU B 57 -0.87 -21.48 -3.33
CA LEU B 57 -0.57 -21.20 -1.92
C LEU B 57 0.39 -22.23 -1.35
N VAL B 58 0.20 -23.49 -1.71
CA VAL B 58 1.07 -24.53 -1.20
C VAL B 58 2.52 -24.29 -1.66
N HIS B 59 2.69 -23.88 -2.91
CA HIS B 59 4.02 -23.59 -3.43
C HIS B 59 4.57 -22.31 -2.81
N MET B 60 3.68 -21.37 -2.52
CA MET B 60 4.10 -20.11 -1.90
C MET B 60 4.69 -20.36 -0.52
N ILE B 61 4.04 -21.24 0.24
CA ILE B 61 4.48 -21.53 1.60
C ILE B 61 5.89 -22.15 1.56
N ASN B 62 6.11 -23.02 0.59
CA ASN B 62 7.43 -23.60 0.44
CA ASN B 62 7.41 -23.63 0.34
C ASN B 62 8.44 -22.62 -0.16
N TRP B 63 7.97 -21.69 -0.99
CA TRP B 63 8.82 -20.62 -1.49
C TRP B 63 9.29 -19.70 -0.37
N ALA B 64 8.37 -19.35 0.52
CA ALA B 64 8.68 -18.42 1.61
C ALA B 64 9.79 -18.97 2.51
N LYS B 65 9.76 -20.28 2.75
CA LYS B 65 10.75 -20.91 3.61
C LYS B 65 12.16 -20.79 3.01
N ARG B 66 12.22 -20.50 1.72
CA ARG B 66 13.48 -20.39 1.00
C ARG B 66 13.94 -18.95 0.80
N VAL B 67 13.15 -17.99 1.30
CA VAL B 67 13.57 -16.59 1.28
C VAL B 67 14.51 -16.36 2.45
N PRO B 68 15.75 -15.92 2.17
CA PRO B 68 16.74 -15.78 3.24
C PRO B 68 16.23 -14.91 4.39
N GLY B 69 16.40 -15.40 5.61
CA GLY B 69 15.97 -14.68 6.80
C GLY B 69 14.60 -15.09 7.29
N PHE B 70 13.80 -15.66 6.41
CA PHE B 70 12.44 -16.04 6.76
C PHE B 70 12.38 -17.19 7.77
N VAL B 71 13.17 -18.23 7.53
CA VAL B 71 13.17 -19.38 8.44
C VAL B 71 13.82 -19.06 9.78
N ASP B 72 14.47 -17.90 9.89
CA ASP B 72 15.10 -17.51 11.14
C ASP B 72 14.10 -16.89 12.11
N LEU B 73 12.89 -16.63 11.61
CA LEU B 73 11.82 -16.10 12.44
C LEU B 73 11.13 -17.25 13.16
N THR B 74 10.47 -16.95 14.27
CA THR B 74 9.65 -17.94 14.95
C THR B 74 8.50 -18.37 14.05
N LEU B 75 8.02 -19.59 14.24
CA LEU B 75 6.89 -20.08 13.46
C LEU B 75 5.73 -19.09 13.48
N HIS B 76 5.46 -18.52 14.65
CA HIS B 76 4.37 -17.56 14.79
C HIS B 76 4.55 -16.33 13.91
N ASP B 77 5.77 -15.82 13.84
CA ASP B 77 6.08 -14.68 12.98
C ASP B 77 5.93 -15.05 11.50
N GLN B 78 6.36 -16.25 11.15
CA GLN B 78 6.24 -16.71 9.77
C GLN B 78 4.78 -16.78 9.37
N VAL B 79 3.97 -17.36 10.26
CA VAL B 79 2.52 -17.43 10.05
C VAL B 79 1.91 -16.04 9.88
N HIS B 80 2.31 -15.11 10.73
CA HIS B 80 1.76 -13.75 10.67
C HIS B 80 2.09 -13.08 9.33
N LEU B 81 3.34 -13.17 8.91
CA LEU B 81 3.76 -12.52 7.67
C LEU B 81 3.04 -13.08 6.44
N LEU B 82 2.91 -14.40 6.38
CA LEU B 82 2.23 -15.03 5.26
C LEU B 82 0.74 -14.74 5.26
N GLU B 83 0.14 -14.71 6.45
CA GLU B 83 -1.28 -14.40 6.56
C GLU B 83 -1.58 -13.01 6.03
N CSO B 84 -0.67 -12.06 6.30
CA CSO B 84 -0.87 -10.69 5.87
CA CSO B 84 -0.86 -10.68 5.85
CB CSO B 84 -0.02 -9.75 6.74
CB CSO B 84 0.03 -9.72 6.65
SG CSO B 84 -0.17 -8.04 6.22
SG CSO B 84 -0.46 -9.68 8.39
C CSO B 84 -0.58 -10.50 4.37
O CSO B 84 -1.28 -9.76 3.69
OD CSO B 84 -1.75 -7.39 6.72
OD CSO B 84 -1.96 -8.75 8.58
N ALA B 85 0.44 -11.19 3.88
CA ALA B 85 0.95 -10.96 2.52
C ALA B 85 0.45 -11.88 1.40
N TRP B 86 -0.23 -12.97 1.74
CA TRP B 86 -0.46 -14.01 0.74
C TRP B 86 -1.12 -13.50 -0.56
N LEU B 87 -2.13 -12.66 -0.45
CA LEU B 87 -2.82 -12.20 -1.65
C LEU B 87 -1.98 -11.19 -2.45
N GLU B 88 -1.27 -10.31 -1.75
CA GLU B 88 -0.34 -9.42 -2.44
C GLU B 88 0.66 -10.24 -3.25
N ILE B 89 1.15 -11.33 -2.66
CA ILE B 89 2.15 -12.15 -3.33
C ILE B 89 1.58 -12.87 -4.56
N LEU B 90 0.37 -13.40 -4.46
CA LEU B 90 -0.30 -14.01 -5.61
C LEU B 90 -0.50 -12.97 -6.71
N MET B 91 -0.91 -11.77 -6.32
CA MET B 91 -1.19 -10.71 -7.28
C MET B 91 0.05 -10.20 -8.01
N ILE B 92 1.14 -9.97 -7.29
CA ILE B 92 2.35 -9.53 -7.96
C ILE B 92 2.87 -10.62 -8.91
N GLY B 93 2.72 -11.89 -8.51
CA GLY B 93 3.10 -12.99 -9.38
C GLY B 93 2.27 -13.00 -10.66
N LEU B 94 0.97 -12.80 -10.50
CA LEU B 94 0.07 -12.75 -11.66
C LEU B 94 0.45 -11.60 -12.58
N VAL B 95 0.73 -10.45 -11.98
CA VAL B 95 1.04 -9.27 -12.77
C VAL B 95 2.33 -9.47 -13.56
N TRP B 96 3.32 -10.07 -12.91
CA TRP B 96 4.58 -10.43 -13.56
C TRP B 96 4.36 -11.37 -14.76
N ARG B 97 3.66 -12.48 -14.52
CA ARG B 97 3.37 -13.44 -15.59
C ARG B 97 2.65 -12.79 -16.76
N SER B 98 1.89 -11.75 -16.48
CA SER B 98 1.02 -11.13 -17.47
C SER B 98 1.71 -10.02 -18.25
N MET B 99 2.92 -9.66 -17.82
CA MET B 99 3.57 -8.46 -18.32
C MET B 99 3.71 -8.43 -19.84
N GLU B 100 4.03 -9.58 -20.42
CA GLU B 100 4.24 -9.66 -21.87
C GLU B 100 2.95 -9.92 -22.63
N HIS B 101 1.82 -9.84 -21.94
CA HIS B 101 0.52 -10.02 -22.57
C HIS B 101 -0.40 -8.82 -22.31
N PRO B 102 -0.08 -7.67 -22.91
CA PRO B 102 -0.86 -6.45 -22.68
C PRO B 102 -2.36 -6.68 -22.81
N GLY B 103 -3.13 -6.22 -21.83
CA GLY B 103 -4.57 -6.34 -21.87
C GLY B 103 -5.09 -7.68 -21.40
N LYS B 104 -4.17 -8.58 -21.07
CA LYS B 104 -4.56 -9.92 -20.62
C LYS B 104 -3.95 -10.23 -19.26
N LEU B 105 -4.65 -11.05 -18.48
CA LEU B 105 -4.11 -11.59 -17.24
C LEU B 105 -3.84 -13.08 -17.43
N LEU B 106 -2.58 -13.46 -17.31
CA LEU B 106 -2.19 -14.85 -17.48
C LEU B 106 -2.24 -15.57 -16.14
N PHE B 107 -3.43 -16.02 -15.76
CA PHE B 107 -3.58 -16.76 -14.51
C PHE B 107 -2.82 -18.06 -14.59
N ALA B 108 -2.87 -18.69 -15.77
CA ALA B 108 -2.12 -19.90 -16.06
C ALA B 108 -1.83 -19.89 -17.56
N PRO B 109 -0.84 -20.67 -18.01
CA PRO B 109 -0.55 -20.68 -19.44
C PRO B 109 -1.80 -21.04 -20.26
N ASN B 110 -2.68 -21.85 -19.68
CA ASN B 110 -3.91 -22.25 -20.38
C ASN B 110 -5.14 -21.51 -19.84
N LEU B 111 -4.91 -20.37 -19.21
CA LEU B 111 -6.00 -19.55 -18.69
C LEU B 111 -5.60 -18.08 -18.74
N LEU B 112 -5.77 -17.49 -19.92
CA LEU B 112 -5.42 -16.10 -20.17
C LEU B 112 -6.70 -15.31 -20.38
N LEU B 113 -7.03 -14.44 -19.44
CA LEU B 113 -8.32 -13.75 -19.42
C LEU B 113 -8.18 -12.26 -19.71
N ASP B 114 -9.25 -11.66 -20.20
CA ASP B 114 -9.29 -10.21 -20.38
C ASP B 114 -10.39 -9.59 -19.51
N ARG B 115 -10.53 -8.27 -19.53
CA ARG B 115 -11.45 -7.61 -18.61
C ARG B 115 -12.92 -7.96 -18.87
N ASN B 116 -13.24 -8.29 -20.11
CA ASN B 116 -14.60 -8.68 -20.46
C ASN B 116 -15.07 -9.88 -19.65
N GLN B 117 -14.16 -10.81 -19.38
CA GLN B 117 -14.49 -12.02 -18.66
C GLN B 117 -14.60 -11.76 -17.17
N GLY B 118 -13.97 -10.69 -16.69
CA GLY B 118 -14.10 -10.29 -15.31
C GLY B 118 -15.52 -9.89 -14.98
N LYS B 119 -16.26 -9.47 -15.99
CA LYS B 119 -17.64 -9.02 -15.80
C LYS B 119 -18.55 -10.17 -15.34
N CSO B 120 -18.21 -11.38 -15.75
CA CSO B 120 -18.90 -12.59 -15.28
CB CSO B 120 -18.07 -13.82 -15.64
SG CSO B 120 -18.14 -14.08 -17.43
C CSO B 120 -19.13 -12.54 -13.77
O CSO B 120 -20.25 -12.73 -13.30
OD CSO B 120 -18.83 -12.64 -18.24
N VAL B 121 -18.05 -12.29 -13.04
CA VAL B 121 -18.13 -12.19 -11.59
C VAL B 121 -18.39 -10.76 -11.16
N GLU B 122 -19.50 -10.55 -10.46
CA GLU B 122 -19.81 -9.22 -9.93
C GLU B 122 -18.69 -8.78 -9.01
N GLY B 123 -18.21 -7.55 -9.20
CA GLY B 123 -17.15 -7.00 -8.36
C GLY B 123 -15.75 -7.39 -8.78
N MET B 124 -15.63 -8.14 -9.86
CA MET B 124 -14.32 -8.61 -10.31
C MET B 124 -13.67 -7.69 -11.33
N VAL B 125 -14.46 -7.00 -12.14
CA VAL B 125 -13.92 -6.15 -13.19
C VAL B 125 -13.05 -5.00 -12.64
N GLU B 126 -13.42 -4.47 -11.48
CA GLU B 126 -12.64 -3.41 -10.86
C GLU B 126 -11.26 -3.93 -10.50
N ILE B 127 -11.23 -5.13 -9.93
CA ILE B 127 -9.97 -5.76 -9.54
C ILE B 127 -9.12 -6.13 -10.77
N PHE B 128 -9.77 -6.67 -11.80
CA PHE B 128 -9.07 -7.00 -13.04
C PHE B 128 -8.41 -5.75 -13.62
N ASP B 129 -9.14 -4.64 -13.61
CA ASP B 129 -8.63 -3.39 -14.17
C ASP B 129 -7.39 -2.90 -13.44
N MET B 130 -7.40 -2.99 -12.11
CA MET B 130 -6.23 -2.61 -11.32
C MET B 130 -5.03 -3.50 -11.63
N LEU B 131 -5.26 -4.80 -11.75
CA LEU B 131 -4.19 -5.74 -12.07
C LEU B 131 -3.60 -5.43 -13.45
N LEU B 132 -4.48 -5.17 -14.41
CA LEU B 132 -4.05 -4.84 -15.77
C LEU B 132 -3.21 -3.56 -15.77
N ALA B 133 -3.63 -2.57 -14.99
CA ALA B 133 -2.88 -1.32 -14.89
C ALA B 133 -1.49 -1.53 -14.30
N THR B 134 -1.39 -2.41 -13.31
CA THR B 134 -0.11 -2.72 -12.69
C THR B 134 0.79 -3.44 -13.69
N SER B 135 0.21 -4.38 -14.42
CA SER B 135 0.95 -5.12 -15.43
C SER B 135 1.52 -4.16 -16.46
N SER B 136 0.68 -3.27 -16.95
CA SER B 136 1.11 -2.29 -17.94
C SER B 136 2.23 -1.41 -17.39
N ARG B 137 2.07 -0.94 -16.15
CA ARG B 137 3.09 -0.11 -15.52
C ARG B 137 4.44 -0.82 -15.45
N PHE B 138 4.42 -2.07 -14.99
CA PHE B 138 5.62 -2.88 -14.96
C PHE B 138 6.23 -3.02 -16.33
N ARG B 139 5.39 -3.30 -17.33
CA ARG B 139 5.90 -3.50 -18.68
C ARG B 139 6.59 -2.23 -19.19
N MET B 140 5.96 -1.09 -18.96
CA MET B 140 6.53 0.17 -19.42
C MET B 140 7.79 0.56 -18.64
N MET B 141 7.97 0.00 -17.46
CA MET B 141 9.17 0.23 -16.67
C MET B 141 10.27 -0.78 -17.01
N ASN B 142 9.93 -1.75 -17.85
CA ASN B 142 10.87 -2.81 -18.20
CA ASN B 142 10.87 -2.81 -18.20
C ASN B 142 11.37 -3.53 -16.95
N LEU B 143 10.43 -3.91 -16.09
CA LEU B 143 10.77 -4.67 -14.88
C LEU B 143 11.48 -5.96 -15.24
N GLN B 144 12.61 -6.20 -14.58
CA GLN B 144 13.39 -7.42 -14.80
C GLN B 144 13.04 -8.49 -13.76
N GLY B 145 13.27 -9.75 -14.11
CA GLY B 145 12.96 -10.86 -13.24
C GLY B 145 13.68 -10.79 -11.91
N GLU B 146 14.92 -10.30 -11.93
CA GLU B 146 15.71 -10.15 -10.72
C GLU B 146 15.13 -9.08 -9.79
N GLU B 147 14.55 -8.05 -10.39
CA GLU B 147 13.90 -7.00 -9.63
C GLU B 147 12.57 -7.51 -9.06
N PHE B 148 11.84 -8.25 -9.88
CA PHE B 148 10.59 -8.85 -9.45
C PHE B 148 10.75 -9.71 -8.19
N VAL B 149 11.73 -10.62 -8.19
CA VAL B 149 11.91 -11.48 -7.02
C VAL B 149 12.27 -10.68 -5.77
N CYS B 150 12.99 -9.58 -5.94
CA CYS B 150 13.29 -8.72 -4.81
C CYS B 150 12.00 -8.09 -4.27
N LEU B 151 11.17 -7.58 -5.17
CA LEU B 151 9.92 -6.93 -4.76
C LEU B 151 9.01 -7.92 -4.06
N LYS B 152 8.94 -9.14 -4.58
CA LYS B 152 8.06 -10.13 -3.98
C LYS B 152 8.50 -10.49 -2.56
N SER B 153 9.81 -10.59 -2.35
CA SER B 153 10.32 -10.89 -1.01
CA SER B 153 10.32 -10.89 -1.01
C SER B 153 10.11 -9.71 -0.06
N ILE B 154 10.20 -8.50 -0.60
CA ILE B 154 9.95 -7.29 0.21
C ILE B 154 8.52 -7.32 0.72
N ILE B 155 7.58 -7.68 -0.16
CA ILE B 155 6.18 -7.79 0.23
C ILE B 155 6.01 -8.77 1.41
N LEU B 156 6.62 -9.94 1.28
CA LEU B 156 6.52 -10.96 2.32
C LEU B 156 6.99 -10.45 3.67
N LEU B 157 8.10 -9.73 3.67
CA LEU B 157 8.72 -9.28 4.92
C LEU B 157 8.11 -7.98 5.45
N ASN B 158 7.64 -7.11 4.55
CA ASN B 158 7.15 -5.80 4.94
C ASN B 158 5.68 -5.74 5.36
N SER B 159 4.81 -6.41 4.61
CA SER B 159 3.37 -6.18 4.76
C SER B 159 2.84 -6.39 6.19
N GLY B 160 3.39 -7.34 6.92
CA GLY B 160 2.94 -7.61 8.28
C GLY B 160 3.85 -7.12 9.40
N VAL B 161 4.94 -6.44 9.06
CA VAL B 161 5.96 -6.12 10.04
C VAL B 161 5.52 -5.13 11.13
N TYR B 162 4.59 -4.25 10.78
CA TYR B 162 4.15 -3.19 11.70
C TYR B 162 2.86 -3.55 12.42
N THR B 163 2.56 -4.85 12.46
CA THR B 163 1.43 -5.36 13.22
C THR B 163 1.89 -6.41 14.22
N PHE B 164 3.18 -6.36 14.56
CA PHE B 164 3.73 -7.22 15.59
C PHE B 164 3.62 -6.57 16.96
N LYS B 175 11.43 -7.43 15.13
CA LYS B 175 11.38 -6.38 14.11
C LYS B 175 12.77 -6.12 13.52
N ASP B 176 13.74 -5.95 14.41
CA ASP B 176 15.10 -5.59 14.00
C ASP B 176 15.63 -6.49 12.88
N HIS B 177 15.46 -7.80 13.06
CA HIS B 177 15.92 -8.76 12.07
C HIS B 177 15.25 -8.53 10.72
N ILE B 178 13.94 -8.36 10.73
CA ILE B 178 13.19 -8.17 9.50
C ILE B 178 13.60 -6.89 8.77
N HIS B 179 13.83 -5.82 9.52
CA HIS B 179 14.25 -4.56 8.93
C HIS B 179 15.67 -4.63 8.38
N ARG B 180 16.54 -5.38 9.05
CA ARG B 180 17.89 -5.61 8.53
C ARG B 180 17.84 -6.39 7.23
N VAL B 181 16.96 -7.39 7.17
CA VAL B 181 16.81 -8.16 5.94
C VAL B 181 16.23 -7.29 4.84
N LEU B 182 15.25 -6.45 5.18
CA LEU B 182 14.66 -5.54 4.21
C LEU B 182 15.72 -4.61 3.63
N ASP B 183 16.60 -4.11 4.50
CA ASP B 183 17.69 -3.26 4.05
C ASP B 183 18.58 -4.00 3.05
N LYS B 184 18.87 -5.26 3.35
CA LYS B 184 19.70 -6.07 2.48
C LYS B 184 19.06 -6.21 1.09
N ILE B 185 17.76 -6.43 1.05
CA ILE B 185 17.06 -6.51 -0.22
C ILE B 185 17.13 -5.19 -0.97
N THR B 186 17.02 -4.07 -0.24
CA THR B 186 17.19 -2.76 -0.87
C THR B 186 18.57 -2.67 -1.51
N ASP B 187 19.60 -3.06 -0.75
CA ASP B 187 20.96 -3.08 -1.26
C ASP B 187 21.00 -3.90 -2.53
N THR B 188 20.30 -5.03 -2.50
CA THR B 188 20.28 -5.96 -3.64
C THR B 188 19.63 -5.30 -4.86
N LEU B 189 18.51 -4.61 -4.65
CA LEU B 189 17.84 -3.89 -5.73
C LEU B 189 18.73 -2.84 -6.38
N ILE B 190 19.42 -2.03 -5.55
CA ILE B 190 20.34 -1.03 -6.08
C ILE B 190 21.48 -1.69 -6.84
N HIS B 191 22.02 -2.76 -6.26
CA HIS B 191 23.07 -3.56 -6.88
C HIS B 191 22.68 -3.95 -8.30
N LEU B 192 21.46 -4.44 -8.48
CA LEU B 192 20.99 -4.86 -9.79
C LEU B 192 20.84 -3.69 -10.75
N MET B 193 20.44 -2.53 -10.24
CA MET B 193 20.25 -1.36 -11.09
C MET B 193 21.58 -0.76 -11.54
N ALA B 194 22.57 -0.79 -10.65
CA ALA B 194 23.91 -0.34 -10.99
C ALA B 194 24.52 -1.32 -11.99
N LYS B 195 24.30 -2.61 -11.75
CA LYS B 195 24.76 -3.66 -12.64
C LYS B 195 24.18 -3.50 -14.04
N ALA B 196 23.00 -2.88 -14.14
CA ALA B 196 22.34 -2.68 -15.43
C ALA B 196 22.71 -1.34 -16.06
N GLY B 197 23.61 -0.61 -15.41
CA GLY B 197 24.15 0.60 -16.00
C GLY B 197 23.43 1.89 -15.70
N LEU B 198 22.52 1.86 -14.73
CA LEU B 198 21.78 3.07 -14.37
C LEU B 198 22.68 4.07 -13.66
N THR B 199 22.49 5.36 -13.95
CA THR B 199 23.21 6.40 -13.24
C THR B 199 22.73 6.44 -11.80
N LEU B 200 23.34 7.31 -10.99
CA LEU B 200 22.96 7.46 -9.59
C LEU B 200 21.54 7.98 -9.43
N GLN B 201 21.19 9.03 -10.18
CA GLN B 201 19.86 9.61 -10.12
C GLN B 201 18.80 8.61 -10.60
N GLN B 202 19.12 7.86 -11.65
CA GLN B 202 18.20 6.86 -12.17
C GLN B 202 17.98 5.72 -11.16
N GLN B 203 19.01 5.38 -10.41
CA GLN B 203 18.92 4.32 -9.42
C GLN B 203 17.90 4.65 -8.32
N HIS B 204 18.04 5.82 -7.71
CA HIS B 204 17.12 6.17 -6.63
C HIS B 204 15.71 6.47 -7.14
N GLN B 205 15.60 7.02 -8.34
CA GLN B 205 14.28 7.27 -8.93
C GLN B 205 13.57 5.96 -9.24
N ARG B 206 14.30 4.98 -9.78
CA ARG B 206 13.68 3.70 -10.11
C ARG B 206 13.33 2.94 -8.84
N LEU B 207 14.19 3.03 -7.84
CA LEU B 207 13.89 2.39 -6.55
C LEU B 207 12.57 2.91 -6.00
N ALA B 208 12.37 4.23 -6.06
CA ALA B 208 11.14 4.83 -5.56
C ALA B 208 9.93 4.42 -6.37
N GLN B 209 10.06 4.48 -7.69
CA GLN B 209 8.97 4.10 -8.59
C GLN B 209 8.47 2.68 -8.30
N LEU B 210 9.42 1.77 -8.06
CA LEU B 210 9.08 0.37 -7.80
C LEU B 210 8.40 0.19 -6.46
N LEU B 211 8.94 0.83 -5.42
CA LEU B 211 8.37 0.68 -4.10
C LEU B 211 7.01 1.35 -3.97
N LEU B 212 6.77 2.42 -4.73
CA LEU B 212 5.46 3.08 -4.72
C LEU B 212 4.37 2.17 -5.30
N ILE B 213 4.75 1.30 -6.22
CA ILE B 213 3.79 0.37 -6.81
C ILE B 213 3.32 -0.64 -5.76
N LEU B 214 4.16 -0.86 -4.75
CA LEU B 214 3.79 -1.76 -3.67
C LEU B 214 2.59 -1.23 -2.90
N SER B 215 2.44 0.09 -2.86
CA SER B 215 1.26 0.69 -2.25
C SER B 215 0.00 0.29 -3.00
N HIS B 216 0.08 0.30 -4.34
CA HIS B 216 -1.06 -0.08 -5.17
CA HIS B 216 -1.07 -0.07 -5.15
C HIS B 216 -1.37 -1.56 -5.04
N ILE B 217 -0.33 -2.38 -4.93
CA ILE B 217 -0.50 -3.81 -4.72
C ILE B 217 -1.20 -4.09 -3.38
N ARG B 218 -0.83 -3.34 -2.34
CA ARG B 218 -1.55 -3.46 -1.07
C ARG B 218 -3.02 -3.11 -1.25
N HIS B 219 -3.29 -2.04 -1.99
CA HIS B 219 -4.66 -1.61 -2.23
C HIS B 219 -5.44 -2.71 -2.95
N MET B 220 -4.85 -3.28 -4.00
CA MET B 220 -5.50 -4.37 -4.73
C MET B 220 -5.79 -5.56 -3.85
N SER B 221 -4.84 -5.91 -2.97
CA SER B 221 -5.02 -7.03 -2.05
CA SER B 221 -5.04 -7.04 -2.08
C SER B 221 -6.21 -6.79 -1.12
N ASN B 222 -6.31 -5.56 -0.61
CA ASN B 222 -7.40 -5.21 0.29
C ASN B 222 -8.74 -5.35 -0.40
N LYS B 223 -8.84 -4.83 -1.63
CA LYS B 223 -10.06 -4.96 -2.42
C LYS B 223 -10.37 -6.41 -2.76
N GLY B 224 -9.32 -7.16 -3.12
CA GLY B 224 -9.48 -8.57 -3.43
C GLY B 224 -9.94 -9.40 -2.24
N MET B 225 -9.47 -9.04 -1.06
CA MET B 225 -9.85 -9.75 0.16
C MET B 225 -11.34 -9.53 0.44
N GLU B 226 -11.81 -8.30 0.22
CA GLU B 226 -13.22 -7.99 0.38
C GLU B 226 -14.05 -8.79 -0.61
N HIS B 227 -13.56 -8.92 -1.83
CA HIS B 227 -14.26 -9.69 -2.85
C HIS B 227 -14.31 -11.17 -2.50
N LEU B 228 -13.22 -11.68 -1.94
CA LEU B 228 -13.15 -13.09 -1.54
C LEU B 228 -14.12 -13.35 -0.39
N TYR B 229 -14.23 -12.38 0.51
CA TYR B 229 -15.12 -12.48 1.65
C TYR B 229 -16.58 -12.56 1.20
N SER B 230 -16.95 -11.71 0.25
CA SER B 230 -18.32 -11.73 -0.26
C SER B 230 -18.59 -13.05 -0.98
N MET B 231 -17.59 -13.55 -1.70
CA MET B 231 -17.68 -14.86 -2.33
C MET B 231 -17.93 -15.94 -1.28
N LYS B 232 -17.26 -15.83 -0.14
CA LYS B 232 -17.42 -16.80 0.94
C LYS B 232 -18.84 -16.77 1.50
N CSO B 233 -19.41 -15.58 1.63
CA CSO B 233 -20.77 -15.42 2.17
CA CSO B 233 -20.76 -15.47 2.18
CB CSO B 233 -20.99 -13.97 2.63
CB CSO B 233 -21.03 -14.10 2.83
SG CSO B 233 -22.06 -13.94 4.08
SG CSO B 233 -19.67 -13.69 3.96
C CSO B 233 -21.86 -15.83 1.18
O CSO B 233 -22.96 -16.22 1.59
OD CSO B 233 -21.13 -13.56 5.55
OD CSO B 233 -20.33 -13.02 5.48
N LYS B 234 -21.55 -15.74 -0.11
CA LYS B 234 -22.51 -16.19 -1.12
C LYS B 234 -22.61 -17.71 -1.14
N ASN B 235 -21.49 -18.36 -0.81
CA ASN B 235 -21.46 -19.81 -0.62
C ASN B 235 -21.79 -20.63 -1.87
N VAL B 236 -21.48 -20.09 -3.04
CA VAL B 236 -21.66 -20.82 -4.30
C VAL B 236 -20.35 -21.50 -4.70
N VAL B 237 -19.27 -20.73 -4.70
CA VAL B 237 -17.96 -21.25 -5.04
C VAL B 237 -17.37 -22.03 -3.86
N PRO B 238 -16.81 -23.21 -4.14
CA PRO B 238 -16.16 -24.00 -3.09
C PRO B 238 -14.80 -23.41 -2.74
N LEU B 239 -14.58 -23.14 -1.45
CA LEU B 239 -13.30 -22.59 -1.01
C LEU B 239 -12.58 -23.58 -0.10
N SER B 240 -11.33 -23.88 -0.43
CA SER B 240 -10.55 -24.83 0.35
C SER B 240 -10.42 -24.33 1.79
N ASP B 241 -10.18 -25.26 2.70
CA ASP B 241 -9.97 -24.90 4.10
C ASP B 241 -8.76 -23.98 4.24
N LEU B 242 -7.74 -24.20 3.41
CA LEU B 242 -6.55 -23.36 3.47
C LEU B 242 -6.85 -21.94 3.03
N LEU B 243 -7.56 -21.80 1.91
CA LEU B 243 -7.91 -20.49 1.39
C LEU B 243 -8.79 -19.76 2.41
N LEU B 244 -9.70 -20.50 3.02
CA LEU B 244 -10.61 -19.95 4.02
C LEU B 244 -9.87 -19.47 5.27
N GLU B 245 -8.87 -20.22 5.70
CA GLU B 245 -8.09 -19.83 6.87
C GLU B 245 -7.23 -18.60 6.59
N MET B 246 -6.67 -18.52 5.37
CA MET B 246 -5.90 -17.35 4.97
C MET B 246 -6.80 -16.12 4.89
N LEU B 247 -8.02 -16.31 4.38
CA LEU B 247 -8.99 -15.22 4.33
C LEU B 247 -9.43 -14.80 5.73
N ASP B 248 -9.69 -15.78 6.58
CA ASP B 248 -10.19 -15.52 7.93
C ASP B 248 -9.19 -14.70 8.76
N ALA B 249 -7.91 -14.85 8.46
CA ALA B 249 -6.86 -14.13 9.19
C ALA B 249 -7.01 -12.61 9.09
N HIS B 250 -7.64 -12.15 8.02
CA HIS B 250 -7.83 -10.72 7.80
C HIS B 250 -9.06 -10.16 8.51
N ARG B 251 -9.74 -11.02 9.26
CA ARG B 251 -10.90 -10.60 10.06
C ARG B 251 -11.88 -9.73 9.28
N LYS C 3 -21.28 18.66 -6.31
CA LYS C 3 -20.24 17.84 -5.68
C LYS C 3 -19.28 18.71 -4.87
N ILE C 4 -19.34 18.58 -3.55
CA ILE C 4 -18.63 19.48 -2.64
C ILE C 4 -17.14 19.63 -2.92
N LEU C 5 -16.45 18.50 -3.04
CA LEU C 5 -15.01 18.53 -3.30
C LEU C 5 -14.71 19.27 -4.60
N HIS C 6 -15.51 19.01 -5.62
CA HIS C 6 -15.35 19.65 -6.92
C HIS C 6 -15.44 21.17 -6.80
N ARG C 7 -16.40 21.63 -6.01
CA ARG C 7 -16.61 23.06 -5.84
C ARG C 7 -15.50 23.73 -5.04
N LEU C 8 -15.08 23.09 -3.94
CA LEU C 8 -14.03 23.64 -3.10
C LEU C 8 -12.71 23.75 -3.84
N LEU C 9 -12.47 22.81 -4.75
CA LEU C 9 -11.26 22.83 -5.58
C LEU C 9 -11.31 23.94 -6.63
N GLN C 10 -12.52 24.23 -7.10
CA GLN C 10 -12.72 25.17 -8.19
C GLN C 10 -12.52 26.61 -7.73
N GLU C 11 -13.08 26.94 -6.57
CA GLU C 11 -12.97 28.27 -6.01
C GLU C 11 -11.75 28.38 -5.09
N HIS D 2 -3.56 -25.19 15.38
CA HIS D 2 -4.60 -25.91 14.66
C HIS D 2 -4.60 -25.51 13.18
N LYS D 3 -4.20 -24.28 12.90
CA LYS D 3 -4.19 -23.75 11.54
C LYS D 3 -3.40 -24.64 10.58
N ILE D 4 -3.97 -24.85 9.40
CA ILE D 4 -3.33 -25.63 8.34
C ILE D 4 -2.00 -25.02 7.92
N LEU D 5 -1.90 -23.70 8.01
CA LEU D 5 -0.65 -23.00 7.67
C LEU D 5 0.47 -23.44 8.61
N HIS D 6 0.15 -23.57 9.90
CA HIS D 6 1.09 -24.08 10.88
C HIS D 6 1.73 -25.38 10.39
N ARG D 7 0.86 -26.29 9.96
CA ARG D 7 1.30 -27.61 9.53
C ARG D 7 2.16 -27.55 8.28
N LEU D 8 1.74 -26.75 7.31
CA LEU D 8 2.44 -26.65 6.03
C LEU D 8 3.81 -26.01 6.17
N LEU D 9 3.94 -25.07 7.10
CA LEU D 9 5.20 -24.39 7.33
C LEU D 9 6.23 -25.32 7.98
N GLN D 10 5.75 -26.39 8.60
CA GLN D 10 6.62 -27.34 9.28
C GLN D 10 6.91 -28.60 8.45
N GLU D 11 6.02 -28.90 7.51
CA GLU D 11 6.17 -30.07 6.65
C GLU D 11 7.22 -29.85 5.58
CAA 27L E . -13.32 9.42 10.55
CAN 27L E . -11.80 9.27 10.47
CAB 27L E . -11.18 10.50 9.82
CAC 27L E . -11.58 8.04 9.58
CAK 27L E . -11.30 8.96 11.89
CAO 27L E . -9.77 8.87 12.16
CAD 27L E . -9.09 7.81 11.28
CAE 27L E . -9.60 8.43 13.62
CAM 27L E . -9.09 10.09 12.00
CAI 27L E . -7.78 10.11 11.53
CAG 27L E . -7.09 11.31 11.39
CAL 27L E . -7.72 12.51 11.75
OAF 27L E . -7.04 13.68 11.62
CAH 27L E . -9.01 12.49 12.24
CAJ 27L E . -9.71 11.29 12.37
CAA 27L F . -9.53 -15.69 -5.21
CAN 27L F . -8.30 -14.85 -5.55
CAB 27L F . -7.03 -15.64 -5.33
CAC 27L F . -8.35 -13.68 -4.56
CAK 27L F . -8.49 -14.32 -6.99
CAO 27L F . -7.36 -13.51 -7.70
CAD 27L F . -6.98 -12.28 -6.90
CAE 27L F . -7.94 -13.01 -9.02
CAM 27L F . -6.19 -14.25 -7.96
CAI 27L F . -6.20 -15.62 -8.25
CAG 27L F . -5.03 -16.32 -8.54
CAL 27L F . -3.82 -15.64 -8.55
OAF 27L F . -2.64 -16.30 -8.82
CAH 27L F . -3.79 -14.28 -8.27
CAJ 27L F . -4.96 -13.58 -7.99
#